data_5W0E
#
_entry.id   5W0E
#
_cell.length_a   33.815
_cell.length_b   49.386
_cell.length_c   79.819
_cell.angle_alpha   90.000
_cell.angle_beta   90.000
_cell.angle_gamma   90.000
#
_symmetry.space_group_name_H-M   'P 21 21 21'
#
loop_
_entity.id
_entity.type
_entity.pdbx_description
1 polymer 'CREB-binding protein'
2 non-polymer 3-[7-(difluoromethyl)-6-(1-methyl-1H-pyrazol-4-yl)-3,4-dihydroquinolin-1(2H)-yl]-N-methyl-1-(oxan-4-yl)-1,4,6,7-tetrahydro-5H-pyrazolo[4,3-c]pyridine-5-carboxamide
3 water water
#
_entity_poly.entity_id   1
_entity_poly.type   'polypeptide(L)'
_entity_poly.pdbx_seq_one_letter_code
;MHHHHHHGSLVPRGSMDYKDDDDKENLYFQGSKKIFKPEELRQALMPTLEALYRQDPESLPFRQPVDPQLLGIPDYFDIV
KNPMDLSTIKRKLDTGQYQEPWQYVDDVWLMFNNAWLYNRKTSRVYKFCSKLAEVFEQEIDPVMQSLG
;
_entity_poly.pdbx_strand_id   A
#
loop_
_chem_comp.id
_chem_comp.type
_chem_comp.name
_chem_comp.formula
9U4 non-polymer 3-[7-(difluoromethyl)-6-(1-methyl-1H-pyrazol-4-yl)-3,4-dihydroquinolin-1(2H)-yl]-N-methyl-1-(oxan-4-yl)-1,4,6,7-tetrahydro-5H-pyrazolo[4,3-c]pyridine-5-carboxamide 'C27 H33 F2 N7 O2'
#
# COMPACT_ATOMS: atom_id res chain seq x y z
N LYS A 34 -23.81 -2.73 -9.22
CA LYS A 34 -23.09 -1.95 -8.21
C LYS A 34 -21.87 -1.28 -8.83
N ILE A 35 -22.04 -0.03 -9.23
CA ILE A 35 -20.98 0.73 -9.89
C ILE A 35 -20.54 1.85 -8.95
N PHE A 36 -19.23 2.07 -8.89
CA PHE A 36 -18.66 3.07 -8.01
C PHE A 36 -18.11 4.23 -8.84
N LYS A 37 -18.52 5.44 -8.50
CA LYS A 37 -17.97 6.61 -9.15
C LYS A 37 -16.55 6.84 -8.64
N PRO A 38 -15.67 7.39 -9.48
CA PRO A 38 -14.27 7.61 -9.04
C PRO A 38 -14.16 8.45 -7.77
N GLU A 39 -15.01 9.47 -7.64
CA GLU A 39 -14.95 10.34 -6.46
C GLU A 39 -15.50 9.65 -5.23
N GLU A 40 -16.46 8.74 -5.42
CA GLU A 40 -16.95 7.94 -4.31
C GLU A 40 -15.85 7.06 -3.74
N LEU A 41 -15.09 6.41 -4.62
CA LEU A 41 -13.98 5.60 -4.13
C LEU A 41 -12.90 6.47 -3.50
N ARG A 42 -12.61 7.62 -4.11
CA ARG A 42 -11.55 8.47 -3.57
C ARG A 42 -11.91 8.97 -2.17
N GLN A 43 -13.16 9.45 -1.99
CA GLN A 43 -13.59 9.96 -0.69
C GLN A 43 -13.59 8.88 0.37
N ALA A 44 -14.03 7.67 0.01
CA ALA A 44 -14.07 6.59 1.00
C ALA A 44 -12.69 6.04 1.27
N LEU A 45 -11.87 5.89 0.23
CA LEU A 45 -10.65 5.10 0.40
C LEU A 45 -9.43 5.95 0.71
N MET A 46 -9.33 7.17 0.18
CA MET A 46 -8.17 8.00 0.47
C MET A 46 -7.89 8.16 1.96
N PRO A 47 -8.89 8.34 2.84
CA PRO A 47 -8.58 8.40 4.27
C PRO A 47 -7.88 7.17 4.80
N THR A 48 -8.17 5.99 4.27
CA THR A 48 -7.46 4.80 4.73
C THR A 48 -6.01 4.82 4.28
N LEU A 49 -5.72 5.40 3.10
CA LEU A 49 -4.33 5.52 2.68
C LEU A 49 -3.61 6.56 3.52
N GLU A 50 -4.30 7.67 3.85
CA GLU A 50 -3.68 8.68 4.69
C GLU A 50 -3.35 8.12 6.07
N ALA A 51 -4.17 7.19 6.58
CA ALA A 51 -3.88 6.55 7.85
C ALA A 51 -2.54 5.84 7.80
N LEU A 52 -2.21 5.23 6.67
CA LEU A 52 -0.91 4.60 6.53
C LEU A 52 0.21 5.64 6.50
N TYR A 53 0.03 6.69 5.69
CA TYR A 53 1.05 7.75 5.62
C TYR A 53 1.32 8.34 6.99
N ARG A 54 0.31 8.44 7.85
CA ARG A 54 0.53 9.06 9.15
C ARG A 54 1.40 8.21 10.07
N GLN A 55 1.67 6.97 9.73
CA GLN A 55 2.48 6.13 10.61
C GLN A 55 3.94 6.48 10.40
N ASP A 56 4.59 6.98 11.45
CA ASP A 56 6.00 7.27 11.45
C ASP A 56 6.62 6.47 12.59
N PRO A 57 7.71 5.77 12.35
CA PRO A 57 8.50 5.75 11.11
C PRO A 57 8.00 4.73 10.10
N GLU A 58 6.91 4.03 10.41
CA GLU A 58 6.60 2.80 9.68
C GLU A 58 6.25 3.03 8.23
N SER A 59 5.70 4.19 7.87
CA SER A 59 5.36 4.37 6.46
C SER A 59 6.53 4.84 5.62
N LEU A 60 7.62 5.26 6.23
CA LEU A 60 8.71 5.86 5.46
C LEU A 60 9.24 4.96 4.35
N PRO A 61 9.47 3.65 4.57
CA PRO A 61 9.95 2.79 3.47
C PRO A 61 8.93 2.52 2.39
N PHE A 62 7.68 2.97 2.58
CA PHE A 62 6.58 2.66 1.69
C PHE A 62 6.11 3.86 0.87
N ARG A 63 6.69 5.04 1.07
CA ARG A 63 6.13 6.25 0.49
C ARG A 63 6.46 6.44 -0.99
N GLN A 64 7.56 5.87 -1.46
CA GLN A 64 7.97 5.98 -2.86
C GLN A 64 8.31 4.59 -3.39
N PRO A 65 8.32 4.41 -4.71
CA PRO A 65 8.71 3.11 -5.25
C PRO A 65 10.11 2.72 -4.78
N VAL A 66 10.26 1.47 -4.39
CA VAL A 66 11.60 0.98 -4.09
C VAL A 66 12.50 1.24 -5.28
N ASP A 67 13.65 1.86 -5.01
CA ASP A 67 14.64 2.19 -6.03
C ASP A 67 15.85 1.29 -5.76
N PRO A 68 15.93 0.11 -6.39
CA PRO A 68 16.99 -0.84 -6.03
C PRO A 68 18.39 -0.32 -6.26
N GLN A 69 18.63 0.37 -7.38
CA GLN A 69 19.98 0.88 -7.62
C GLN A 69 20.39 1.92 -6.59
N LEU A 70 19.50 2.87 -6.30
CA LEU A 70 19.79 3.91 -5.32
C LEU A 70 20.02 3.32 -3.94
N LEU A 71 19.25 2.29 -3.57
CA LEU A 71 19.35 1.71 -2.25
C LEU A 71 20.48 0.69 -2.13
N GLY A 72 21.10 0.30 -3.24
CA GLY A 72 22.09 -0.74 -3.17
C GLY A 72 21.53 -2.13 -2.92
N ILE A 73 20.29 -2.39 -3.34
CA ILE A 73 19.70 -3.73 -3.28
C ILE A 73 19.33 -4.19 -4.68
N PRO A 74 20.31 -4.42 -5.57
CA PRO A 74 19.96 -4.75 -6.96
C PRO A 74 19.22 -6.07 -7.14
N ASP A 75 19.13 -6.92 -6.12
CA ASP A 75 18.36 -8.15 -6.25
C ASP A 75 16.85 -7.93 -6.14
N TYR A 76 16.40 -6.70 -5.87
CA TYR A 76 15.02 -6.47 -5.49
C TYR A 76 14.04 -6.91 -6.58
N PHE A 77 14.26 -6.48 -7.82
CA PHE A 77 13.34 -6.82 -8.90
C PHE A 77 13.44 -8.28 -9.33
N ASP A 78 14.48 -9.00 -8.91
CA ASP A 78 14.52 -10.44 -9.12
C ASP A 78 13.56 -11.18 -8.20
N ILE A 79 13.19 -10.57 -7.08
CA ILE A 79 12.33 -11.21 -6.09
C ILE A 79 10.91 -10.64 -6.15
N VAL A 80 10.79 -9.33 -6.34
CA VAL A 80 9.52 -8.63 -6.37
C VAL A 80 9.18 -8.36 -7.83
N LYS A 81 8.20 -9.11 -8.34
CA LYS A 81 7.84 -9.02 -9.75
C LYS A 81 6.86 -7.89 -10.05
N ASN A 82 6.06 -7.48 -9.07
CA ASN A 82 5.02 -6.47 -9.29
C ASN A 82 5.11 -5.47 -8.16
N PRO A 83 6.01 -4.49 -8.27
CA PRO A 83 6.19 -3.51 -7.20
C PRO A 83 4.93 -2.69 -7.00
N MET A 84 4.74 -2.25 -5.77
CA MET A 84 3.64 -1.35 -5.44
C MET A 84 4.07 -0.56 -4.21
N ASP A 85 3.59 0.68 -4.12
CA ASP A 85 3.91 1.53 -2.99
C ASP A 85 2.79 2.56 -2.79
N LEU A 86 2.93 3.34 -1.73
CA LEU A 86 1.90 4.31 -1.36
C LEU A 86 1.68 5.36 -2.44
N SER A 87 2.75 5.91 -3.01
CA SER A 87 2.58 6.96 -4.00
C SER A 87 1.84 6.43 -5.22
N THR A 88 2.09 5.19 -5.59
CA THR A 88 1.43 4.62 -6.76
C THR A 88 -0.06 4.41 -6.50
N ILE A 89 -0.39 3.87 -5.32
CA ILE A 89 -1.78 3.69 -4.96
C ILE A 89 -2.51 5.03 -4.90
N LYS A 90 -1.85 6.04 -4.30
CA LYS A 90 -2.44 7.37 -4.25
C LYS A 90 -2.73 7.89 -5.65
N ARG A 91 -1.77 7.76 -6.56
CA ARG A 91 -1.98 8.19 -7.94
C ARG A 91 -3.15 7.44 -8.58
N LYS A 92 -3.24 6.12 -8.34
CA LYS A 92 -4.33 5.36 -8.94
C LYS A 92 -5.68 5.81 -8.38
N LEU A 93 -5.73 6.15 -7.10
CA LEU A 93 -6.95 6.69 -6.51
C LEU A 93 -7.31 8.04 -7.14
N ASP A 94 -6.31 8.92 -7.32
CA ASP A 94 -6.55 10.25 -7.84
C ASP A 94 -6.93 10.25 -9.31
N THR A 95 -6.45 9.27 -10.06
CA THR A 95 -6.68 9.21 -11.50
C THR A 95 -7.76 8.20 -11.89
N GLY A 96 -8.54 7.73 -10.92
CA GLY A 96 -9.69 6.88 -11.22
C GLY A 96 -9.36 5.51 -11.77
N GLN A 97 -8.23 4.93 -11.37
N GLN A 97 -8.23 4.94 -11.37
CA GLN A 97 -7.81 3.65 -11.93
CA GLN A 97 -7.79 3.66 -11.91
C GLN A 97 -8.41 2.45 -11.20
C GLN A 97 -8.50 2.47 -11.25
N TYR A 98 -9.15 2.67 -10.12
CA TYR A 98 -9.86 1.59 -9.44
C TYR A 98 -11.34 1.68 -9.80
N GLN A 99 -11.91 0.57 -10.24
CA GLN A 99 -13.34 0.53 -10.49
C GLN A 99 -14.12 0.00 -9.30
N GLU A 100 -13.46 -0.76 -8.42
CA GLU A 100 -14.08 -1.46 -7.32
C GLU A 100 -13.18 -1.33 -6.10
N PRO A 101 -13.75 -1.25 -4.90
CA PRO A 101 -12.91 -1.16 -3.70
C PRO A 101 -11.88 -2.27 -3.58
N TRP A 102 -12.24 -3.51 -3.95
CA TRP A 102 -11.30 -4.62 -3.78
C TRP A 102 -10.04 -4.46 -4.60
N GLN A 103 -10.09 -3.70 -5.70
CA GLN A 103 -8.89 -3.47 -6.50
C GLN A 103 -7.90 -2.59 -5.76
N TYR A 104 -8.40 -1.58 -5.03
CA TYR A 104 -7.55 -0.80 -4.14
C TYR A 104 -7.00 -1.67 -3.02
N VAL A 105 -7.88 -2.43 -2.36
CA VAL A 105 -7.42 -3.32 -1.30
C VAL A 105 -6.36 -4.29 -1.81
N ASP A 106 -6.54 -4.82 -3.02
CA ASP A 106 -5.55 -5.71 -3.63
C ASP A 106 -4.19 -5.02 -3.75
N ASP A 107 -4.17 -3.74 -4.14
CA ASP A 107 -2.91 -3.03 -4.31
C ASP A 107 -2.23 -2.78 -2.96
N VAL A 108 -3.01 -2.43 -1.94
CA VAL A 108 -2.41 -2.24 -0.63
C VAL A 108 -1.79 -3.54 -0.15
N TRP A 109 -2.51 -4.65 -0.33
CA TRP A 109 -1.98 -5.93 0.11
C TRP A 109 -0.81 -6.41 -0.75
N LEU A 110 -0.78 -6.06 -2.04
CA LEU A 110 0.39 -6.36 -2.87
C LEU A 110 1.62 -5.66 -2.33
N MET A 111 1.46 -4.37 -1.96
CA MET A 111 2.53 -3.63 -1.29
C MET A 111 3.01 -4.35 -0.04
N PHE A 112 2.08 -4.80 0.81
CA PHE A 112 2.48 -5.48 2.04
C PHE A 112 3.17 -6.80 1.73
N ASN A 113 2.60 -7.59 0.82
CA ASN A 113 3.15 -8.90 0.53
C ASN A 113 4.54 -8.80 -0.07
N ASN A 114 4.76 -7.79 -0.93
CA ASN A 114 6.10 -7.57 -1.48
C ASN A 114 7.10 -7.32 -0.37
N ALA A 115 6.72 -6.50 0.62
CA ALA A 115 7.63 -6.15 1.70
C ALA A 115 7.92 -7.36 2.59
N TRP A 116 6.91 -8.17 2.89
CA TRP A 116 7.19 -9.37 3.68
C TRP A 116 7.99 -10.41 2.89
N LEU A 117 7.83 -10.42 1.57
CA LEU A 117 8.56 -11.36 0.73
C LEU A 117 10.04 -11.00 0.65
N TYR A 118 10.33 -9.73 0.35
CA TYR A 118 11.70 -9.33 0.11
C TYR A 118 12.50 -9.18 1.39
N ASN A 119 11.95 -8.50 2.38
CA ASN A 119 12.71 -8.14 3.56
C ASN A 119 12.73 -9.26 4.59
N ARG A 120 13.79 -9.30 5.37
N ARG A 120 13.79 -9.30 5.37
CA ARG A 120 13.95 -10.34 6.38
CA ARG A 120 13.95 -10.34 6.38
C ARG A 120 13.04 -10.04 7.57
C ARG A 120 13.04 -10.04 7.57
N LYS A 121 12.64 -11.10 8.27
CA LYS A 121 11.65 -10.96 9.33
C LYS A 121 12.14 -10.11 10.50
N THR A 122 13.45 -9.95 10.64
CA THR A 122 14.03 -9.14 11.70
C THR A 122 14.24 -7.68 11.29
N SER A 123 13.96 -7.33 10.04
CA SER A 123 14.30 -6.03 9.51
C SER A 123 13.23 -4.97 9.81
N ARG A 124 13.67 -3.71 9.74
CA ARG A 124 12.75 -2.59 9.94
C ARG A 124 11.61 -2.62 8.95
N VAL A 125 11.89 -2.80 7.65
CA VAL A 125 10.83 -2.73 6.67
C VAL A 125 9.78 -3.81 6.94
N TYR A 126 10.23 -5.01 7.31
CA TYR A 126 9.30 -6.10 7.60
C TYR A 126 8.43 -5.78 8.82
N LYS A 127 9.04 -5.34 9.91
CA LYS A 127 8.28 -5.02 11.11
C LYS A 127 7.36 -3.84 10.86
N PHE A 128 7.84 -2.87 10.09
CA PHE A 128 7.04 -1.71 9.76
C PHE A 128 5.86 -2.11 8.89
N CYS A 129 6.08 -3.05 7.98
CA CYS A 129 4.98 -3.55 7.17
C CYS A 129 3.89 -4.16 8.04
N SER A 130 4.28 -4.95 9.03
CA SER A 130 3.25 -5.54 9.89
C SER A 130 2.46 -4.47 10.63
N LYS A 131 3.10 -3.37 11.01
CA LYS A 131 2.36 -2.28 11.65
C LYS A 131 1.36 -1.66 10.68
N LEU A 132 1.79 -1.37 9.45
CA LEU A 132 0.87 -0.80 8.48
C LEU A 132 -0.30 -1.73 8.17
N ALA A 133 -0.04 -3.05 8.13
CA ALA A 133 -1.12 -4.00 7.86
C ALA A 133 -2.16 -3.98 8.99
N GLU A 134 -1.71 -3.83 10.23
CA GLU A 134 -2.64 -3.72 11.35
C GLU A 134 -3.47 -2.46 11.22
N VAL A 135 -2.81 -1.32 10.94
CA VAL A 135 -3.52 -0.05 10.79
C VAL A 135 -4.50 -0.13 9.62
N PHE A 136 -4.05 -0.67 8.49
CA PHE A 136 -4.95 -0.75 7.34
C PHE A 136 -6.17 -1.62 7.64
N GLU A 137 -5.96 -2.79 8.24
CA GLU A 137 -7.09 -3.64 8.60
C GLU A 137 -8.11 -2.90 9.44
N GLN A 138 -7.65 -2.13 10.44
CA GLN A 138 -8.54 -1.39 11.30
C GLN A 138 -9.35 -0.36 10.54
N GLU A 139 -8.69 0.35 9.62
CA GLU A 139 -9.33 1.45 8.91
C GLU A 139 -10.22 0.99 7.76
N ILE A 140 -9.84 -0.10 7.10
CA ILE A 140 -10.54 -0.47 5.88
C ILE A 140 -11.88 -1.14 6.17
N ASP A 141 -12.01 -1.88 7.28
CA ASP A 141 -13.27 -2.61 7.45
C ASP A 141 -14.46 -1.70 7.64
N PRO A 142 -14.43 -0.67 8.49
CA PRO A 142 -15.60 0.21 8.56
C PRO A 142 -15.89 0.91 7.25
N VAL A 143 -14.86 1.21 6.46
CA VAL A 143 -15.07 1.80 5.15
C VAL A 143 -15.75 0.81 4.21
N MET A 144 -15.34 -0.46 4.25
CA MET A 144 -16.01 -1.46 3.41
C MET A 144 -17.47 -1.62 3.79
N GLN A 145 -17.75 -1.60 5.10
CA GLN A 145 -19.14 -1.68 5.55
C GLN A 145 -19.96 -0.49 5.06
N SER A 146 -19.31 0.67 4.90
CA SER A 146 -20.03 1.86 4.44
C SER A 146 -20.21 1.84 2.93
N LEU A 147 -19.32 1.20 2.20
CA LEU A 147 -19.42 1.14 0.74
C LEU A 147 -20.41 0.06 0.32
C14 9U4 B . 17.54 -0.75 4.05
C6 9U4 B . 13.24 -2.36 0.40
C7 9U4 B . 14.36 -2.38 1.42
C8 9U4 B . 14.68 -0.97 1.78
C9 9U4 B . 13.84 0.09 1.62
C10 9U4 B . 14.58 1.24 2.11
C13 9U4 B . 17.06 -1.20 2.68
N2 9U4 B . 9.92 -1.02 1.13
C3 9U4 B . 10.88 -1.93 0.92
C1 9U4 B . 8.52 -1.40 1.17
C15 9U4 B . 18.89 -1.36 4.37
C17 9U4 B . 19.43 -1.60 2.11
C18 9U4 B . 18.13 -0.98 1.64
C20 9U4 B . 13.54 3.25 1.07
C21 9U4 B . 13.78 4.73 1.21
C22 9U4 B . 13.13 5.25 2.46
C23 9U4 B . 13.44 4.38 3.65
C24 9U4 B . 13.83 3.05 3.53
C25 9U4 B . 14.00 2.26 4.66
C26 9U4 B . 13.84 2.80 5.94
C27 9U4 B . 13.49 4.15 6.07
C28 9U4 B . 13.29 4.93 4.93
C29 9U4 B . 13.34 4.80 7.39
C30 9U4 B . 12.69 4.34 8.55
C33 9U4 B . 13.85 6.02 7.76
C34 9U4 B . 13.80 7.38 9.87
C35 9U4 B . 14.08 1.86 7.12
C38 9U4 B . 12.46 -0.07 1.04
F36 9U4 B . 14.76 0.77 6.70
F37 9U4 B . 12.89 1.39 7.59
N11 9U4 B . 15.77 0.88 2.50
N12 9U4 B . 15.83 -0.48 2.31
N19 9U4 B . 14.10 2.55 2.23
N31 9U4 B . 12.79 5.20 9.56
N32 9U4 B . 13.50 6.23 9.03
N5 9U4 B . 12.15 -1.47 0.81
O16 9U4 B . 19.85 -1.07 3.36
O4 9U4 B . 10.62 -3.11 0.80
#